data_2MCJ
#
_entry.id   2MCJ
#
loop_
_entity.id
_entity.type
_entity.pdbx_description
1 polymer "DNA_(5'-D(*GP*TP*CP*GP*GP*CP*TP*G)-3')"
2 polymer "DNA_(5'-D(*CP*AP*GP*(N4S)P*CP*GP*AP*C)-3')"
#
loop_
_entity_poly.entity_id
_entity_poly.type
_entity_poly.pdbx_seq_one_letter_code
_entity_poly.pdbx_strand_id
1 'polydeoxyribonucleotide' (DG)(DT)(DC)(DG)(DG)(DC)(DT)(DG) A
2 'polydeoxyribonucleotide' (DC)(DA)(DG)(N4S)(DC)(DG)(DA)(DC) B
#
loop_
_chem_comp.id
_chem_comp.type
_chem_comp.name
_chem_comp.formula
DA DNA linking 2'-DEOXYADENOSINE-5'-MONOPHOSPHATE 'C10 H14 N5 O6 P'
DC DNA linking 2'-DEOXYCYTIDINE-5'-MONOPHOSPHATE 'C9 H14 N3 O7 P'
DG DNA linking 2'-DEOXYGUANOSINE-5'-MONOPHOSPHATE 'C10 H14 N5 O7 P'
DT DNA linking THYMIDINE-5'-MONOPHOSPHATE 'C10 H15 N2 O8 P'
N4S DNA linking 'N-[3-({4-[(3-aminopropyl)amino]butyl}amino)propyl]-2'-deoxycytidine 5'-(dihydrogen phosphate)' 'C19 H37 N6 O7 P'
#
# COMPACT_ATOMS: atom_id res chain seq x y z
P N4S B 4 0.18 -0.85 7.02
OP1 N4S B 4 0.46 -1.26 8.42
OP2 N4S B 4 1.27 -0.87 6.03
C5' N4S B 4 -2.18 -2.01 7.29
O5' N4S B 4 -1.04 -1.74 6.46
C4' N4S B 4 -3.10 -3.06 6.66
O4' N4S B 4 -3.49 -2.64 5.35
C3' N4S B 4 -2.45 -4.44 6.51
O3' N4S B 4 -3.46 -5.45 6.69
C2' N4S B 4 -1.96 -4.43 5.08
C1' N4S B 4 -3.01 -3.58 4.39
N1 N4S B 4 -2.50 -2.81 3.23
C2 N4S B 4 -3.23 -2.87 2.05
O2 N4S B 4 -4.25 -3.55 1.99
N3 N4S B 4 -2.78 -2.17 1.00
C4 N4S B 4 -1.66 -1.43 1.07
N4 N4S B 4 -1.27 -0.77 0.00
C5 N4S B 4 -0.91 -1.36 2.28
C6 N4S B 4 -1.36 -2.06 3.34
CA N4S B 4 -0.04 0.07 0.02
CB N4S B 4 0.55 0.19 -1.39
CC N4S B 4 1.20 -1.15 -1.79
CE N4S B 4 2.45 -2.18 -3.60
CF N4S B 4 3.86 -1.56 -3.48
CG N4S B 4 4.32 -0.99 -4.84
CH N4S B 4 5.55 -0.08 -4.66
CJ N4S B 4 7.99 -0.08 -4.69
CK N4S B 4 8.19 1.31 -5.33
CL N4S B 4 9.58 1.86 -4.99
ND N4S B 4 1.42 -1.18 -3.26
NI N4S B 4 6.77 -0.73 -5.22
NM N4S B 4 9.66 3.31 -5.30
H5'' N4S B 4 -1.85 -2.35 8.26
H5' N4S B 4 -2.75 -1.09 7.42
H4' N4S B 4 -3.99 -3.16 7.28
H3' N4S B 4 -1.63 -4.57 7.22
H2'' N4S B 4 -1.92 -5.42 4.66
H2' N4S B 4 -0.99 -3.94 5.02
H1' N4S B 4 -3.83 -4.22 4.06
H41 N4S B 4 -1.83 -0.82 -0.87
H5 N4S B 4 0.00 -0.77 2.35
H6 N4S B 4 -0.82 -2.04 4.28
HA2 N4S B 4 0.70 -0.38 0.71
HA1 N4S B 4 -0.27 1.08 0.35
HB1 N4S B 4 -0.24 0.40 -2.10
HB2 N4S B 4 1.30 0.99 -1.40
HC2 N4S B 4 0.53 -1.97 -1.49
HC1 N4S B 4 2.16 -1.25 -1.31
HE2 N4S B 4 2.28 -2.54 -4.64
HE1 N4S B 4 2.41 -3.01 -2.91
HF2 N4S B 4 4.57 -2.35 -3.14
HF1 N4S B 4 3.84 -0.75 -2.78
HG1 N4S B 4 4.61 -1.80 -5.50
HG2 N4S B 4 3.49 -0.43 -5.28
HH1 N4S B 4 5.40 0.84 -5.19
HH2 N4S B 4 5.68 0.12 -3.58
HJ2 N4S B 4 8.86 -0.73 -4.90
HJ1 N4S B 4 7.89 0.07 -3.63
HK1 N4S B 4 8.12 1.23 -6.40
HK2 N4S B 4 7.40 1.99 -4.96
HL2 N4S B 4 10.34 1.31 -5.57
HL1 N4S B 4 9.78 1.75 -3.93
HD1 N4S B 4 0.50 -1.47 -3.76
HI1 N4S B 4 6.80 -1.77 -4.93
HM3 N4S B 4 9.52 3.45 -6.38
HM2 N4S B 4 10.63 3.70 -5.00
P N4S B 4 0.36 -0.63 7.05
OP1 N4S B 4 0.71 -0.95 8.46
OP2 N4S B 4 1.43 -0.66 6.02
C5' N4S B 4 -1.95 -1.86 7.43
O5' N4S B 4 -0.82 -1.63 6.59
C4' N4S B 4 -2.90 -2.89 6.85
O4' N4S B 4 -3.31 -2.49 5.53
C3' N4S B 4 -2.29 -4.29 6.72
O3' N4S B 4 -3.32 -5.27 6.95
C2' N4S B 4 -1.83 -4.34 5.27
C1' N4S B 4 -2.87 -3.47 4.57
N1 N4S B 4 -2.35 -2.74 3.40
C2 N4S B 4 -3.10 -2.77 2.24
O2 N4S B 4 -4.16 -3.40 2.20
N3 N4S B 4 -2.64 -2.10 1.15
C4 N4S B 4 -1.49 -1.43 1.19
N4 N4S B 4 -1.08 -0.79 0.11
C5 N4S B 4 -0.70 -1.39 2.39
C6 N4S B 4 -1.17 -2.05 3.47
CA N4S B 4 0.20 -0.02 0.10
CB N4S B 4 0.73 0.12 -1.33
CC N4S B 4 1.56 -1.12 -1.71
CE N4S B 4 2.80 -2.18 -3.53
CF N4S B 4 4.10 -1.49 -4.02
CG N4S B 4 5.34 -2.04 -3.25
CH N4S B 4 6.62 -1.35 -3.76
CJ N4S B 4 8.99 -1.00 -3.29
CK N4S B 4 9.04 0.12 -2.23
CL N4S B 4 10.45 0.75 -2.19
ND N4S B 4 1.78 -1.16 -3.17
NI N4S B 4 7.82 -1.88 -3.06
NM N4S B 4 10.42 2.02 -1.44
H5'' N4S B 4 -1.61 -2.20 8.40
H5' N4S B 4 -2.49 -0.92 7.56
H4' N4S B 4 -3.78 -2.96 7.48
H3' N4S B 4 -1.45 -4.41 7.40
H2'' N4S B 4 -1.84 -5.35 4.88
H2' N4S B 4 -0.84 -3.89 5.18
H1' N4S B 4 -3.71 -4.09 4.27
H41 N4S B 4 -1.66 -0.82 -0.76
H5 N4S B 4 0.24 -0.85 2.43
H6 N4S B 4 -0.59 -2.04 4.39
HA2 N4S B 4 0.93 -0.54 0.73
HA1 N4S B 4 0.02 0.98 0.48
HB1 N4S B 4 -0.09 0.19 -2.03
HB2 N4S B 4 1.35 1.03 -1.40
HC2 N4S B 4 1.01 -2.02 -1.38
HC1 N4S B 4 2.53 -1.08 -1.22
HE2 N4S B 4 2.39 -2.81 -4.33
HE1 N4S B 4 3.06 -2.77 -2.67
HF2 N4S B 4 4.02 -0.41 -3.87
HF1 N4S B 4 4.26 -1.70 -5.07
HG1 N4S B 4 5.24 -1.81 -2.20
HG2 N4S B 4 5.39 -3.13 -3.41
HH1 N4S B 4 6.74 -1.55 -4.82
HH2 N4S B 4 6.53 -0.28 -3.60
HJ2 N4S B 4 8.92 -0.58 -4.30
HJ1 N4S B 4 9.90 -1.57 -3.20
HK1 N4S B 4 8.35 0.90 -2.50
HK2 N4S B 4 8.78 -0.29 -1.26
HL2 N4S B 4 10.79 0.93 -3.23
HL1 N4S B 4 11.14 0.08 -1.69
HD1 N4S B 4 0.86 -1.44 -3.67
HI1 N4S B 4 7.64 -1.92 -2.00
HM3 N4S B 4 9.77 2.73 -1.95
HM2 N4S B 4 11.43 2.44 -1.39
P N4S B 4 0.39 -0.79 6.85
OP1 N4S B 4 0.67 -1.16 8.25
OP2 N4S B 4 1.47 -0.81 5.84
C5' N4S B 4 -1.98 -1.96 7.12
O5' N4S B 4 -0.81 -1.73 6.31
C4' N4S B 4 -2.89 -3.03 6.53
O4' N4S B 4 -3.30 -2.64 5.21
C3' N4S B 4 -2.24 -4.41 6.41
O3' N4S B 4 -3.24 -5.42 6.67
C2' N4S B 4 -1.79 -4.45 4.96
C1' N4S B 4 -2.84 -3.61 4.26
N1 N4S B 4 -2.34 -2.86 3.09
C2 N4S B 4 -3.07 -2.96 1.92
O2 N4S B 4 -4.08 -3.64 1.86
N3 N4S B 4 -2.62 -2.27 0.83
C4 N4S B 4 -1.50 -1.53 0.89
N4 N4S B 4 -1.12 -0.88 -0.19
C5 N4S B 4 -0.75 -1.44 2.11
C6 N4S B 4 -1.21 -2.12 3.18
CA N4S B 4 0.10 -0.03 -0.19
CB N4S B 4 0.73 -0.01 -1.60
CC N4S B 4 1.38 -1.38 -1.89
CE N4S B 4 2.76 -0.91 -3.83
CF N4S B 4 4.00 -1.77 -3.54
CG N4S B 4 4.93 -1.05 -2.54
CH N4S B 4 6.11 -1.96 -2.12
CJ N4S B 4 8.03 -2.16 -0.64
CK N4S B 4 7.39 -2.98 0.49
CL N4S B 4 8.35 -3.09 1.69
ND N4S B 4 1.53 -1.57 -3.36
NI N4S B 4 7.04 -1.22 -1.24
NM N4S B 4 8.23 -4.42 2.32
H5'' N4S B 4 -1.66 -2.27 8.12
H5' N4S B 4 -2.54 -1.03 7.21
H4' N4S B 4 -3.78 -3.12 7.16
H3' N4S B 4 -1.40 -4.50 7.09
H2'' N4S B 4 -1.79 -5.47 4.58
H2' N4S B 4 -0.81 -3.99 4.85
H1' N4S B 4 -3.67 -4.25 3.96
H41 N4S B 4 -1.67 -0.96 -1.06
H5 N4S B 4 0.14 -0.83 2.18
H6 N4S B 4 -0.66 -2.06 4.12
HA2 N4S B 4 0.83 -0.43 0.53
HA1 N4S B 4 -0.15 0.98 0.06
HB1 N4S B 4 -0.03 0.16 -2.34
HB2 N4S B 4 1.48 0.79 -1.63
HC2 N4S B 4 0.75 -2.17 -1.47
HC1 N4S B 4 2.37 -1.42 -1.46
HE2 N4S B 4 2.85 0.07 -3.33
HE1 N4S B 4 2.71 -0.77 -4.90
HF2 N4S B 4 4.54 -1.96 -4.48
HF1 N4S B 4 3.71 -2.71 -3.08
HG1 N4S B 4 5.35 -0.16 -3.00
HG2 N4S B 4 4.34 -0.76 -1.65
HH1 N4S B 4 5.73 -2.81 -1.58
HH2 N4S B 4 6.62 -2.30 -3.03
HJ2 N4S B 4 8.88 -1.57 -0.25
HJ1 N4S B 4 8.38 -2.85 -1.39
HK1 N4S B 4 6.48 -2.50 0.84
HK2 N4S B 4 7.15 -3.99 0.10
HL2 N4S B 4 8.10 -2.30 2.41
HL1 N4S B 4 9.37 -2.98 1.36
HD1 N4S B 4 1.61 -2.63 -3.58
HI1 N4S B 4 7.59 -0.49 -1.81
HM3 N4S B 4 7.22 -4.56 2.68
HM2 N4S B 4 8.93 -4.49 3.16
P N4S B 4 0.21 -0.97 6.99
OP1 N4S B 4 0.46 -1.36 8.39
OP2 N4S B 4 1.30 -1.05 5.98
C5' N4S B 4 -2.18 -2.09 7.27
O5' N4S B 4 -1.03 -1.86 6.44
C4' N4S B 4 -3.10 -3.16 6.70
O4' N4S B 4 -3.55 -2.76 5.38
C3' N4S B 4 -2.46 -4.54 6.54
O3' N4S B 4 -3.45 -5.55 6.75
C2' N4S B 4 -1.99 -4.55 5.09
C1' N4S B 4 -3.06 -3.69 4.41
N1 N4S B 4 -2.55 -2.90 3.28
C2 N4S B 4 -3.31 -2.88 2.12
O2 N4S B 4 -4.37 -3.52 2.04
N3 N4S B 4 -2.86 -2.16 1.06
C4 N4S B 4 -1.70 -1.48 1.13
N4 N4S B 4 -1.31 -0.79 0.07
C5 N4S B 4 -0.92 -1.49 2.32
C6 N4S B 4 -1.38 -2.21 3.37
CA N4S B 4 -0.04 -0.02 0.09
CB N4S B 4 0.52 0.11 -1.33
CC N4S B 4 1.15 -1.23 -1.76
CE N4S B 4 2.04 -0.25 -3.81
CF N4S B 4 2.95 -0.80 -4.93
CG N4S B 4 3.85 0.32 -5.48
CH N4S B 4 5.07 0.52 -4.56
CJ N4S B 4 7.03 1.90 -4.12
CK N4S B 4 7.72 3.24 -4.46
CL N4S B 4 7.16 4.38 -3.58
ND N4S B 4 1.20 -1.33 -3.24
NI N4S B 4 5.95 1.59 -5.09
NM N4S B 4 8.21 5.38 -3.31
H5'' N4S B 4 -1.84 -2.41 8.26
H5' N4S B 4 -2.74 -1.16 7.38
H4' N4S B 4 -3.97 -3.26 7.34
H3' N4S B 4 -1.61 -4.66 7.22
H2'' N4S B 4 -1.99 -5.55 4.68
H2' N4S B 4 -1.01 -4.07 5.01
H1' N4S B 4 -3.88 -4.33 4.08
H41 N4S B 4 -1.90 -0.79 -0.78
H5 N4S B 4 0.02 -0.95 2.39
H6 N4S B 4 -0.81 -2.24 4.29
HA2 N4S B 4 0.69 -0.51 0.75
HA1 N4S B 4 -0.23 0.99 0.45
HB1 N4S B 4 -0.27 0.33 -2.02
HB2 N4S B 4 1.28 0.91 -1.35
HC2 N4S B 4 0.55 -2.06 -1.33
HC1 N4S B 4 2.17 -1.29 -1.39
HE2 N4S B 4 2.65 0.18 -3.01
HE1 N4S B 4 1.41 0.51 -4.25
HF2 N4S B 4 2.31 -1.21 -5.73
HF1 N4S B 4 3.59 -1.58 -4.54
HG1 N4S B 4 4.23 0.04 -6.46
HG2 N4S B 4 3.27 1.25 -5.55
HH1 N4S B 4 4.74 0.82 -3.57
HH2 N4S B 4 5.63 -0.43 -4.49
HJ2 N4S B 4 7.76 1.08 -4.13
HJ1 N4S B 4 6.61 2.00 -3.13
HK1 N4S B 4 8.78 3.17 -4.27
HK2 N4S B 4 7.54 3.46 -5.53
HL2 N4S B 4 6.79 3.95 -2.63
HL1 N4S B 4 6.35 4.89 -4.10
HD1 N4S B 4 1.64 -2.28 -3.52
HI1 N4S B 4 6.43 1.26 -6.00
HM3 N4S B 4 7.83 6.12 -2.61
HM2 N4S B 4 8.51 5.87 -4.24
P N4S B 4 0.22 -0.78 7.01
OP1 N4S B 4 0.50 -1.19 8.41
OP2 N4S B 4 1.30 -0.82 6.00
C5' N4S B 4 -2.15 -1.92 7.30
O5' N4S B 4 -1.01 -1.67 6.47
C4' N4S B 4 -3.07 -3.00 6.71
O4' N4S B 4 -3.47 -2.61 5.39
C3' N4S B 4 -2.43 -4.38 6.61
O3' N4S B 4 -3.44 -5.39 6.81
C2' N4S B 4 -1.94 -4.41 5.17
C1' N4S B 4 -2.98 -3.58 4.45
N1 N4S B 4 -2.46 -2.83 3.29
C2 N4S B 4 -3.19 -2.89 2.10
O2 N4S B 4 -4.22 -3.56 2.04
N3 N4S B 4 -2.72 -2.21 1.03
C4 N4S B 4 -1.60 -1.48 1.10
N4 N4S B 4 -1.20 -0.84 0.02
C5 N4S B 4 -0.85 -1.42 2.32
C6 N4S B 4 -1.31 -2.10 3.38
CA N4S B 4 0.05 -0.02 0.05
CB N4S B 4 0.60 0.14 -1.38
CC N4S B 4 1.31 -1.15 -1.81
CE N4S B 4 2.52 -2.22 -3.65
CF N4S B 4 3.83 -1.66 -4.24
CG N4S B 4 4.97 -1.66 -3.20
CH N4S B 4 6.28 -1.13 -3.82
CJ N4S B 4 8.39 -0.22 -3.02
CK N4S B 4 9.50 -0.33 -1.96
CL N4S B 4 10.39 0.92 -1.98
ND N4S B 4 1.59 -1.12 -3.26
NI N4S B 4 7.43 -1.34 -2.91
NM N4S B 4 11.57 0.72 -1.10
H5'' N4S B 4 -1.81 -2.26 8.29
H5' N4S B 4 -2.72 -1.00 7.41
H4' N4S B 4 -3.96 -3.07 7.34
H3' N4S B 4 -1.60 -4.48 7.31
H2'' N4S B 4 -1.90 -5.42 4.77
H2' N4S B 4 -0.96 -3.93 5.10
H1' N4S B 4 -3.80 -4.23 4.12
H41 N4S B 4 -1.75 -0.90 -0.85
H5 N4S B 4 0.08 -0.85 2.37
H6 N4S B 4 -0.77 -2.06 4.31
HA2 N4S B 4 0.80 -0.51 0.69
HA1 N4S B 4 -0.17 0.97 0.42
HB1 N4S B 4 -0.22 0.31 -2.07
HB2 N4S B 4 1.30 0.99 -1.39
HC2 N4S B 4 0.66 -2.01 -1.56
HC1 N4S B 4 2.24 -1.25 -1.29
HE2 N4S B 4 2.00 -2.86 -4.39
HE1 N4S B 4 2.77 -2.80 -2.77
HF2 N4S B 4 3.64 -0.63 -4.61
HF1 N4S B 4 4.15 -2.29 -5.06
HG1 N4S B 4 4.71 -1.00 -2.37
HG2 N4S B 4 5.11 -2.69 -2.83
HH1 N4S B 4 6.48 -1.67 -4.74
HH2 N4S B 4 6.15 -0.06 -4.03
HJ2 N4S B 4 7.84 0.73 -2.90
HJ1 N4S B 4 8.87 -0.24 -3.99
HK1 N4S B 4 9.06 -0.40 -0.97
HK2 N4S B 4 10.09 -1.24 -2.16
HL2 N4S B 4 9.81 1.78 -1.63
HL1 N4S B 4 10.76 1.09 -2.98
HD1 N4S B 4 0.68 -1.26 -3.82
HI1 N4S B 4 7.09 -1.38 -1.88
HM3 N4S B 4 12.23 1.59 -1.18
HM2 N4S B 4 12.12 -0.17 -1.41
P N4S B 4 0.00 -0.92 7.13
OP1 N4S B 4 0.20 -1.33 8.54
OP2 N4S B 4 1.12 -1.01 6.16
C5' N4S B 4 -2.40 -2.01 7.32
O5' N4S B 4 -1.24 -1.76 6.53
C4' N4S B 4 -3.31 -3.07 6.70
O4' N4S B 4 -3.70 -2.64 5.38
C3' N4S B 4 -2.66 -4.44 6.55
O3' N4S B 4 -3.67 -5.46 6.72
C2' N4S B 4 -2.17 -4.44 5.11
C1' N4S B 4 -3.21 -3.58 4.41
N1 N4S B 4 -2.70 -2.81 3.27
C2 N4S B 4 -3.45 -2.85 2.10
O2 N4S B 4 -4.49 -3.49 2.04
N3 N4S B 4 -2.99 -2.14 1.03
C4 N4S B 4 -1.85 -1.44 1.10
N4 N4S B 4 -1.45 -0.78 0.02
C5 N4S B 4 -1.07 -1.41 2.30
C6 N4S B 4 -1.55 -2.11 3.36
CA N4S B 4 -0.19 0.02 0.04
CB N4S B 4 0.40 0.09 -1.39
CC N4S B 4 1.10 -1.24 -1.73
CE N4S B 4 2.12 -0.43 -3.80
CF N4S B 4 2.99 -1.11 -4.89
CG N4S B 4 4.49 -0.94 -4.55
CH N4S B 4 5.22 -0.13 -5.65
CJ N4S B 4 6.76 1.71 -6.05
CK N4S B 4 8.23 1.60 -5.60
CL N4S B 4 9.00 2.89 -5.93
ND N4S B 4 1.19 -1.42 -3.20
NI N4S B 4 5.85 1.08 -5.07
NM N4S B 4 10.45 2.63 -5.98
H5'' N4S B 4 -2.08 -2.36 8.31
H5' N4S B 4 -2.97 -1.08 7.44
H4' N4S B 4 -4.21 -3.17 7.30
H3' N4S B 4 -1.83 -4.57 7.25
H2'' N4S B 4 -2.14 -5.44 4.69
H2' N4S B 4 -1.19 -3.95 5.06
H1' N4S B 4 -4.04 -4.22 4.09
H41 N4S B 4 -2.02 -0.82 -0.84
H5 N4S B 4 -0.15 -0.85 2.37
H6 N4S B 4 -0.98 -2.11 4.29
HA2 N4S B 4 0.53 -0.45 0.71
HA1 N4S B 4 -0.39 1.03 0.34
HB1 N4S B 4 -0.40 0.24 -2.11
HB2 N4S B 4 1.12 0.93 -1.43
HC2 N4S B 4 0.54 -2.07 -1.28
HC1 N4S B 4 2.11 -1.22 -1.35
HE2 N4S B 4 2.75 -0.01 -3.01
HE1 N4S B 4 1.56 0.35 -4.29
HF2 N4S B 4 2.77 -0.65 -5.86
HF1 N4S B 4 2.78 -2.16 -4.93
HG1 N4S B 4 4.60 -0.41 -3.62
HG2 N4S B 4 4.94 -1.94 -4.46
HH1 N4S B 4 6.00 -0.73 -6.09
HH2 N4S B 4 4.49 0.16 -6.42
HJ2 N4S B 4 6.47 2.77 -6.16
HJ1 N4S B 4 6.69 1.21 -7.00
HK1 N4S B 4 8.27 1.48 -4.52
HK2 N4S B 4 8.69 0.73 -6.08
HL2 N4S B 4 8.78 3.65 -5.18
HL1 N4S B 4 8.70 3.25 -6.91
HD1 N4S B 4 1.56 -2.41 -3.43
HI1 N4S B 4 5.09 1.80 -4.80
HM3 N4S B 4 10.80 2.32 -4.99
HM2 N4S B 4 10.98 3.52 -6.30
P N4S B 4 0.09 -0.94 7.13
OP1 N4S B 4 0.30 -1.32 8.54
OP2 N4S B 4 1.21 -1.02 6.17
C5' N4S B 4 -2.29 -2.09 7.35
O5' N4S B 4 -1.13 -1.83 6.55
C4' N4S B 4 -3.21 -3.14 6.71
O4' N4S B 4 -3.59 -2.69 5.40
C3' N4S B 4 -2.57 -4.52 6.54
O3' N4S B 4 -3.56 -5.53 6.70
C2' N4S B 4 -2.05 -4.48 5.11
C1' N4S B 4 -3.11 -3.63 4.42
N1 N4S B 4 -2.60 -2.85 3.28
C2 N4S B 4 -3.33 -2.90 2.10
O2 N4S B 4 -4.36 -3.57 2.02
N3 N4S B 4 -2.87 -2.19 1.04
C4 N4S B 4 -1.75 -1.46 1.12
N4 N4S B 4 -1.35 -0.79 0.05
C5 N4S B 4 -0.99 -1.41 2.33
C6 N4S B 4 -1.46 -2.12 3.37
CA N4S B 4 -0.11 0.03 0.08
CB N4S B 4 0.48 0.15 -1.34
CC N4S B 4 1.31 -1.10 -1.68
CE N4S B 4 2.42 -0.32 -3.68
CF N4S B 4 3.85 -0.92 -3.63
CG N4S B 4 4.90 0.17 -3.93
CH N4S B 4 6.08 0.06 -2.95
CJ N4S B 4 8.39 0.74 -2.50
CK N4S B 4 9.71 0.65 -3.30
CL N4S B 4 10.91 0.94 -2.38
ND N4S B 4 1.43 -1.28 -3.14
NI N4S B 4 7.23 0.87 -3.42
NM N4S B 4 12.17 0.69 -3.10
H5'' N4S B 4 -1.97 -2.45 8.33
H5' N4S B 4 -2.85 -1.17 7.48
H4' N4S B 4 -4.10 -3.24 7.31
H3' N4S B 4 -1.74 -4.65 7.25
H2'' N4S B 4 -2.02 -5.48 4.67
H2' N4S B 4 -1.08 -3.98 5.06
H1' N4S B 4 -3.92 -4.26 4.09
H41 N4S B 4 -1.91 -0.84 -0.83
H5 N4S B 4 -0.08 -0.83 2.40
H6 N4S B 4 -0.90 -2.10 4.32
HA2 N4S B 4 0.61 -0.43 0.74
HA1 N4S B 4 -0.34 1.03 0.41
HB1 N4S B 4 -0.32 0.23 -2.07
HB2 N4S B 4 1.10 1.06 -1.39
HC2 N4S B 4 0.82 -1.97 -1.23
HC1 N4S B 4 2.30 -1.00 -1.28
HE2 N4S B 4 2.38 0.61 -3.07
HE1 N4S B 4 2.20 -0.10 -4.71
HF2 N4S B 4 3.91 -1.73 -4.37
HF1 N4S B 4 4.05 -1.31 -2.64
HG1 N4S B 4 5.30 0.02 -4.92
HG2 N4S B 4 4.43 1.16 -3.84
HH1 N4S B 4 5.80 0.43 -1.98
HH2 N4S B 4 6.37 -1.00 -2.86
HJ2 N4S B 4 8.25 -0.17 -1.89
HJ1 N4S B 4 8.46 1.61 -1.87
HK1 N4S B 4 9.83 -0.34 -3.70
HK2 N4S B 4 9.66 1.39 -4.12
HL2 N4S B 4 10.84 0.30 -1.49
HL1 N4S B 4 10.90 1.98 -2.08
HD1 N4S B 4 1.78 -2.26 -3.37
HI1 N4S B 4 7.54 0.51 -4.39
HM3 N4S B 4 12.23 -0.37 -3.36
HM2 N4S B 4 13.01 0.96 -2.47
P N4S B 4 0.27 -0.64 6.99
OP1 N4S B 4 0.48 -0.95 8.42
OP2 N4S B 4 1.42 -0.71 6.04
C5' N4S B 4 -2.08 -1.83 7.20
O5' N4S B 4 -0.90 -1.59 6.43
C4' N4S B 4 -2.95 -2.93 6.59
O4' N4S B 4 -3.34 -2.55 5.27
C3' N4S B 4 -2.28 -4.30 6.49
O3' N4S B 4 -3.24 -5.33 6.75
C2' N4S B 4 -1.82 -4.36 5.03
C1' N4S B 4 -2.88 -3.52 4.33
N1 N4S B 4 -2.38 -2.80 3.14
C2 N4S B 4 -3.12 -2.90 1.97
O2 N4S B 4 -4.13 -3.57 1.93
N3 N4S B 4 -2.65 -2.24 0.88
C4 N4S B 4 -1.53 -1.51 0.92
N4 N4S B 4 -1.14 -0.88 -0.18
C5 N4S B 4 -0.78 -1.40 2.13
C6 N4S B 4 -1.24 -2.06 3.21
CA N4S B 4 0.09 -0.06 -0.20
CB N4S B 4 0.71 -0.05 -1.60
CC N4S B 4 1.35 -1.42 -1.90
CE N4S B 4 2.70 -0.83 -3.83
CF N4S B 4 4.01 -1.56 -3.50
CG N4S B 4 4.84 -0.73 -2.49
CH N4S B 4 6.01 -1.57 -1.93
CJ N4S B 4 7.76 -1.62 -0.24
CK N4S B 4 8.13 -0.94 1.10
CL N4S B 4 9.22 -1.74 1.83
ND N4S B 4 1.53 -1.62 -3.35
NI N4S B 4 6.86 -0.75 -1.04
NM N4S B 4 9.63 -1.06 3.07
H5'' N4S B 4 -1.79 -2.14 8.21
H5' N4S B 4 -2.66 -0.91 7.26
H4' N4S B 4 -3.85 -3.03 7.19
H3' N4S B 4 -1.42 -4.36 7.17
H2'' N4S B 4 -1.81 -5.37 4.66
H2' N4S B 4 -0.84 -3.88 4.93
H1' N4S B 4 -3.71 -4.16 4.04
H41 N4S B 4 -1.70 -0.98 -1.04
H5 N4S B 4 0.13 -0.81 2.18
H6 N4S B 4 -0.68 -2.00 4.15
HA2 N4S B 4 0.82 -0.47 0.53
HA1 N4S B 4 -0.14 0.96 0.05
HB1 N4S B 4 -0.06 0.10 -2.34
HB2 N4S B 4 1.46 0.75 -1.67
HC2 N4S B 4 0.73 -2.22 -1.49
HC1 N4S B 4 2.35 -1.46 -1.45
HE2 N4S B 4 2.68 0.16 -3.35
HE1 N4S B 4 2.64 -0.72 -4.90
HF2 N4S B 4 4.59 -1.70 -4.43
HF1 N4S B 4 3.81 -2.52 -3.04
HG1 N4S B 4 5.27 0.13 -2.98
HG2 N4S B 4 4.18 -0.41 -1.67
HH1 N4S B 4 5.62 -2.40 -1.34
HH2 N4S B 4 6.60 -1.96 -2.78
HJ2 N4S B 4 8.66 -1.84 -0.81
HJ1 N4S B 4 7.24 -2.55 0.02
HK1 N4S B 4 8.53 0.05 0.91
HK2 N4S B 4 7.22 -0.86 1.72
HL2 N4S B 4 10.08 -1.88 1.16
HL1 N4S B 4 8.82 -2.72 2.12
HD1 N4S B 4 1.72 -2.65 -3.57
HI1 N4S B 4 7.49 -0.11 -1.64
HM3 N4S B 4 8.79 -1.03 3.76
HM2 N4S B 4 9.95 -0.04 2.84
P N4S B 4 0.28 -0.76 7.01
OP1 N4S B 4 0.57 -1.07 8.42
OP2 N4S B 4 1.37 -0.82 6.01
C5' N4S B 4 -2.03 -1.99 7.36
O5' N4S B 4 -0.90 -1.73 6.51
C4' N4S B 4 -2.97 -3.04 6.74
O4' N4S B 4 -3.36 -2.61 5.43
C3' N4S B 4 -2.36 -4.43 6.59
O3' N4S B 4 -3.38 -5.42 6.80
C2' N4S B 4 -1.89 -4.44 5.15
C1' N4S B 4 -2.93 -3.57 4.47
N1 N4S B 4 -2.43 -2.85 3.30
C2 N4S B 4 -3.18 -2.90 2.13
O2 N4S B 4 -4.23 -3.55 2.09
N3 N4S B 4 -2.73 -2.22 1.05
C4 N4S B 4 -1.59 -1.52 1.08
N4 N4S B 4 -1.21 -0.88 -0.01
C5 N4S B 4 -0.82 -1.45 2.28
C6 N4S B 4 -1.26 -2.12 3.36
CA N4S B 4 0.04 -0.09 -0.04
CB N4S B 4 0.62 -0.05 -1.47
CC N4S B 4 1.34 -1.38 -1.78
CE N4S B 4 2.48 -0.76 -3.82
CF N4S B 4 3.88 -1.38 -3.52
CG N4S B 4 4.63 -0.51 -2.51
CH N4S B 4 5.94 -1.19 -2.09
CJ N4S B 4 7.90 -1.01 -0.64
CK N4S B 4 7.59 -1.72 0.69
CL N4S B 4 8.88 -1.86 1.53
ND N4S B 4 1.42 -1.60 -3.23
NI N4S B 4 6.70 -0.31 -1.16
NM N4S B 4 8.75 -2.96 2.49
H5'' N4S B 4 -1.68 -2.36 8.33
H5' N4S B 4 -2.58 -1.07 7.51
H4' N4S B 4 -3.87 -3.11 7.37
H3' N4S B 4 -1.52 -4.56 7.29
H2'' N4S B 4 -1.90 -5.45 4.73
H2' N4S B 4 -0.91 -3.98 5.07
H1' N4S B 4 -3.78 -4.19 4.17
H41 N4S B 4 -1.79 -0.94 -0.86
H5 N4S B 4 0.12 -0.89 2.33
H6 N4S B 4 -0.70 -2.10 4.29
HA2 N4S B 4 0.78 -0.53 0.65
HA1 N4S B 4 -0.16 0.94 0.25
HB1 N4S B 4 -0.19 0.06 -2.17
HB2 N4S B 4 1.32 0.79 -1.55
HC2 N4S B 4 0.77 -2.20 -1.30
HC1 N4S B 4 2.34 -1.35 -1.40
HE2 N4S B 4 2.41 0.24 -3.39
HE1 N4S B 4 2.37 -0.73 -4.88
HF2 N4S B 4 4.44 -1.44 -4.47
HF1 N4S B 4 3.77 -2.36 -3.09
HG1 N4S B 4 4.89 0.45 -2.95
HG2 N4S B 4 3.99 -0.35 -1.62
HH1 N4S B 4 5.73 -2.11 -1.57
HH2 N4S B 4 6.54 -1.39 -2.99
HJ2 N4S B 4 8.71 -0.28 -0.52
HJ1 N4S B 4 8.21 -1.77 -1.35
HK1 N4S B 4 6.89 -1.13 1.27
HK2 N4S B 4 7.16 -2.71 0.48
HL2 N4S B 4 9.07 -0.91 2.05
HL1 N4S B 4 9.72 -2.09 0.88
HD1 N4S B 4 1.65 -2.63 -3.44
HI1 N4S B 4 7.04 0.57 -1.69
HM3 N4S B 4 7.77 -2.92 2.96
HM2 N4S B 4 9.52 -2.87 3.26
P N4S B 4 0.17 -0.56 7.15
OP1 N4S B 4 0.49 -0.91 8.54
OP2 N4S B 4 1.24 -0.57 6.12
C5' N4S B 4 -2.14 -1.82 7.47
O5' N4S B 4 -1.01 -1.54 6.63
C4' N4S B 4 -3.08 -2.85 6.83
O4' N4S B 4 -3.45 -2.41 5.52
C3' N4S B 4 -2.47 -4.25 6.67
O3' N4S B 4 -3.49 -5.23 6.88
C2' N4S B 4 -2.00 -4.26 5.23
C1' N4S B 4 -3.04 -3.38 4.56
N1 N4S B 4 -2.55 -2.66 3.37
C2 N4S B 4 -3.26 -2.81 2.19
O2 N4S B 4 -4.26 -3.52 2.16
N3 N4S B 4 -2.82 -2.15 1.09
C4 N4S B 4 -1.73 -1.38 1.14
N4 N4S B 4 -1.34 -0.76 0.04
C5 N4S B 4 -0.99 -1.23 2.36
C6 N4S B 4 -1.43 -1.88 3.44
CA N4S B 4 -0.12 0.11 0.06
CB N4S B 4 0.45 0.26 -1.36
CC N4S B 4 1.28 -0.98 -1.71
CE N4S B 4 2.58 -1.98 -3.52
CF N4S B 4 3.90 -1.20 -3.76
CG N4S B 4 4.98 -1.60 -2.73
CH N4S B 4 6.20 -2.24 -3.43
CJ N4S B 4 7.32 -2.69 -1.31
CK N4S B 4 8.61 -2.48 -0.48
CL N4S B 4 8.62 -3.46 0.72
ND N4S B 4 1.47 -1.05 -3.18
NI N4S B 4 7.44 -2.01 -2.64
NM N4S B 4 9.14 -2.78 1.93
H5'' N4S B 4 -1.79 -2.20 8.43
H5' N4S B 4 -2.70 -0.90 7.63
H4' N4S B 4 -3.98 -2.93 7.43
H3' N4S B 4 -1.63 -4.38 7.36
H2'' N4S B 4 -2.00 -5.26 4.82
H2' N4S B 4 -1.02 -3.79 5.15
H1' N4S B 4 -3.90 -4.00 4.28
H41 N4S B 4 -1.87 -0.86 -0.83
H5 N4S B 4 -0.09 -0.61 2.39
H6 N4S B 4 -0.89 -1.79 4.39
HA2 N4S B 4 0.63 -0.34 0.72
HA1 N4S B 4 -0.38 1.10 0.40
HB1 N4S B 4 -0.36 0.34 -2.08
HB2 N4S B 4 1.07 1.17 -1.39
HC2 N4S B 4 0.74 -1.87 -1.36
HC1 N4S B 4 2.25 -0.92 -1.25
HE2 N4S B 4 2.30 -2.56 -4.41
HE1 N4S B 4 2.76 -2.66 -2.69
HF2 N4S B 4 3.69 -0.13 -3.71
HF1 N4S B 4 4.29 -1.45 -4.74
HG1 N4S B 4 5.32 -0.72 -2.21
HG2 N4S B 4 4.54 -2.31 -2.01
HH1 N4S B 4 6.05 -3.31 -3.52
HH2 N4S B 4 6.31 -1.79 -4.43
HJ2 N4S B 4 7.13 -3.76 -1.47
HJ1 N4S B 4 6.51 -2.24 -0.74
HK1 N4S B 4 9.48 -2.72 -1.09
HK2 N4S B 4 8.65 -1.44 -0.14
HL2 N4S B 4 9.25 -4.32 0.47
HL1 N4S B 4 7.61 -3.79 0.93
HD1 N4S B 4 0.58 -1.43 -3.65
HI1 N4S B 4 8.28 -2.45 -3.15
HM3 N4S B 4 9.42 -3.53 2.67
HM2 N4S B 4 8.36 -2.13 2.35
#